data_7YSF
#
_entry.id   7YSF
#
_cell.length_a   43.807
_cell.length_b   52.194
_cell.length_c   97.491
_cell.angle_alpha   90.000
_cell.angle_beta   90.000
_cell.angle_gamma   90.000
#
_symmetry.space_group_name_H-M   'P 21 21 21'
#
loop_
_entity.id
_entity.type
_entity.pdbx_description
1 polymer 'Zinc finger protein 524'
2 polymer "DNA (5'-D(*AP*GP*GP*GP*TP*TP*AP*GP*GP*GP*TP*TP*AP*GP*G)-3')"
3 polymer "DNA (5'-D(*TP*CP*CP*TP*AP*AP*CP*CP*CP*TP*AP*AP*CP*CP*C)-3')"
4 non-polymer D-MALATE
5 non-polymer 'ZINC ION'
6 water water
#
loop_
_entity_poly.entity_id
_entity_poly.type
_entity_poly.pdbx_seq_one_letter_code
_entity_poly.pdbx_strand_id
1 'polypeptide(L)'
;HMSGPRKAPHFCPVCLRAFPYLSDLERHSISHSELKPHQCKVCGKTFKRSSHLRRHCNIHAGLRPFRCPLCPRRFREAGE
LAHHHRVHSGERPYQCPICRLRFTEANTLRRHAKRKHPEAMGVPLCAPDPGSEW
;
A
2 'polydeoxyribonucleotide' (DA)(DG)(DG)(DG)(DT)(DT)(DA)(DG)(DG)(DG)(DT)(DT)(DA)(DG)(DG) B
3 'polydeoxyribonucleotide' (DT)(DC)(DC)(DT)(DA)(DA)(DC)(DC)(DC)(DT)(DA)(DA)(DC)(DC)(DC) C
#
loop_
_chem_comp.id
_chem_comp.type
_chem_comp.name
_chem_comp.formula
DA DNA linking 2'-DEOXYADENOSINE-5'-MONOPHOSPHATE 'C10 H14 N5 O6 P'
DC DNA linking 2'-DEOXYCYTIDINE-5'-MONOPHOSPHATE 'C9 H14 N3 O7 P'
DG DNA linking 2'-DEOXYGUANOSINE-5'-MONOPHOSPHATE 'C10 H14 N5 O7 P'
DT DNA linking THYMIDINE-5'-MONOPHOSPHATE 'C10 H15 N2 O8 P'
MLT non-polymer D-MALATE 'C4 H6 O5'
ZN non-polymer 'ZINC ION' 'Zn 2'
#
# COMPACT_ATOMS: atom_id res chain seq x y z
N PRO A 9 -23.20 -13.40 12.64
CA PRO A 9 -22.01 -12.59 12.38
C PRO A 9 -21.50 -11.87 13.62
N HIS A 10 -20.48 -11.04 13.46
CA HIS A 10 -19.88 -10.29 14.56
C HIS A 10 -19.77 -8.84 14.15
N PHE A 11 -20.33 -7.94 14.95
CA PHE A 11 -20.32 -6.51 14.68
C PHE A 11 -19.28 -5.82 15.55
N CYS A 12 -18.76 -4.71 15.04
CA CYS A 12 -17.75 -3.94 15.76
C CYS A 12 -18.42 -2.94 16.70
N PRO A 13 -17.89 -2.74 17.90
CA PRO A 13 -18.51 -1.77 18.83
C PRO A 13 -18.31 -0.31 18.41
N VAL A 14 -17.32 -0.02 17.56
CA VAL A 14 -16.97 1.34 17.19
C VAL A 14 -17.72 1.72 15.91
N CYS A 15 -17.41 1.04 14.81
CA CYS A 15 -18.03 1.39 13.56
C CYS A 15 -19.33 0.65 13.30
N LEU A 16 -19.61 -0.41 14.07
CA LEU A 16 -20.82 -1.22 13.92
C LEU A 16 -20.89 -1.89 12.54
N ARG A 17 -19.73 -2.24 11.98
CA ARG A 17 -19.70 -3.07 10.78
C ARG A 17 -19.73 -4.54 11.21
N ALA A 18 -20.60 -5.31 10.56
CA ALA A 18 -20.67 -6.74 10.81
C ALA A 18 -19.62 -7.48 10.01
N PHE A 19 -19.18 -8.61 10.53
CA PHE A 19 -18.15 -9.42 9.91
C PHE A 19 -18.53 -10.88 9.98
N PRO A 20 -18.12 -11.69 9.00
CA PRO A 20 -18.50 -13.11 9.03
C PRO A 20 -17.94 -13.86 10.22
N TYR A 21 -16.64 -13.74 10.47
CA TYR A 21 -15.98 -14.52 11.52
C TYR A 21 -15.45 -13.61 12.61
N LEU A 22 -15.21 -14.21 13.79
CA LEU A 22 -14.63 -13.47 14.89
C LEU A 22 -13.24 -12.96 14.54
N SER A 23 -12.43 -13.78 13.87
CA SER A 23 -11.11 -13.34 13.45
C SER A 23 -11.19 -12.14 12.53
N ASP A 24 -12.26 -12.04 11.73
CA ASP A 24 -12.44 -10.86 10.89
C ASP A 24 -12.69 -9.62 11.72
N LEU A 25 -13.44 -9.75 12.83
CA LEU A 25 -13.74 -8.59 13.66
C LEU A 25 -12.52 -8.12 14.43
N GLU A 26 -11.74 -9.06 14.96
CA GLU A 26 -10.61 -8.69 15.81
C GLU A 26 -9.48 -8.06 15.00
N ARG A 27 -9.28 -8.52 13.77
CA ARG A 27 -8.22 -7.92 12.94
C ARG A 27 -8.63 -6.52 12.46
N HIS A 28 -9.93 -6.29 12.25
CA HIS A 28 -10.38 -4.95 11.89
C HIS A 28 -10.27 -3.99 13.08
N SER A 29 -10.51 -4.50 14.28
CA SER A 29 -10.53 -3.67 15.48
C SER A 29 -9.19 -2.97 15.73
N ILE A 30 -8.09 -3.54 15.22
CA ILE A 30 -6.78 -2.90 15.37
C ILE A 30 -6.77 -1.51 14.75
N SER A 31 -7.54 -1.31 13.67
CA SER A 31 -7.52 -0.04 12.96
C SER A 31 -7.96 1.12 13.85
N HIS A 32 -8.86 0.87 14.79
CA HIS A 32 -9.39 1.92 15.64
C HIS A 32 -8.55 2.19 16.88
N SER A 33 -7.49 1.42 17.09
CA SER A 33 -6.61 1.61 18.24
C SER A 33 -5.33 2.33 17.82
N GLU A 34 -4.59 2.80 18.82
CA GLU A 34 -3.33 3.49 18.58
C GLU A 34 -2.12 2.72 19.09
N LEU A 35 -2.32 1.60 19.76
CA LEU A 35 -1.20 0.84 20.30
C LEU A 35 -0.34 0.27 19.19
N LYS A 36 0.98 0.40 19.34
CA LYS A 36 1.96 -0.20 18.44
C LYS A 36 2.76 -1.23 19.24
N PRO A 37 2.28 -2.46 19.36
CA PRO A 37 2.90 -3.43 20.28
C PRO A 37 4.08 -4.19 19.70
N HIS A 38 4.58 -3.80 18.53
CA HIS A 38 5.70 -4.48 17.90
C HIS A 38 6.85 -3.50 17.72
N GLN A 39 8.04 -3.91 18.14
CA GLN A 39 9.24 -3.10 18.01
C GLN A 39 10.33 -3.95 17.36
N CYS A 40 10.95 -3.40 16.31
CA CYS A 40 12.12 -4.02 15.70
C CYS A 40 13.35 -3.73 16.55
N LYS A 41 13.96 -4.78 17.10
CA LYS A 41 15.12 -4.58 17.95
C LYS A 41 16.40 -4.33 17.16
N VAL A 42 16.33 -4.25 15.84
CA VAL A 42 17.47 -3.84 15.03
C VAL A 42 17.62 -2.33 14.98
N CYS A 43 16.55 -1.62 14.64
CA CYS A 43 16.59 -0.17 14.50
C CYS A 43 15.73 0.59 15.50
N GLY A 44 14.79 -0.07 16.16
CA GLY A 44 14.00 0.54 17.22
C GLY A 44 12.59 0.94 16.83
N LYS A 45 12.30 1.02 15.53
CA LYS A 45 10.99 1.50 15.09
C LYS A 45 9.89 0.55 15.54
N THR A 46 8.74 1.14 15.91
CA THR A 46 7.59 0.39 16.37
C THR A 46 6.55 0.28 15.26
N PHE A 47 5.69 -0.73 15.38
CA PHE A 47 4.74 -1.05 14.32
C PHE A 47 3.41 -1.47 14.92
N LYS A 48 2.36 -1.25 14.14
CA LYS A 48 1.00 -1.48 14.61
C LYS A 48 0.61 -2.96 14.50
N ARG A 49 0.98 -3.62 13.41
CA ARG A 49 0.57 -4.99 13.14
C ARG A 49 1.79 -5.89 13.01
N SER A 50 1.59 -7.16 13.37
CA SER A 50 2.66 -8.15 13.24
C SER A 50 3.19 -8.22 11.81
N SER A 51 2.31 -8.12 10.82
CA SER A 51 2.73 -8.20 9.44
C SER A 51 3.54 -6.98 9.02
N HIS A 52 3.29 -5.82 9.64
CA HIS A 52 4.11 -4.64 9.37
C HIS A 52 5.54 -4.85 9.83
N LEU A 53 5.71 -5.39 11.05
CA LEU A 53 7.06 -5.64 11.56
C LEU A 53 7.80 -6.66 10.71
N ARG A 54 7.10 -7.73 10.31
CA ARG A 54 7.76 -8.78 9.53
C ARG A 54 8.10 -8.29 8.13
N ARG A 55 7.26 -7.45 7.54
CA ARG A 55 7.62 -6.84 6.26
C ARG A 55 8.78 -5.88 6.43
N HIS A 56 8.78 -5.11 7.53
CA HIS A 56 9.88 -4.18 7.77
C HIS A 56 11.19 -4.90 8.04
N CYS A 57 11.13 -6.08 8.67
CA CYS A 57 12.35 -6.83 8.96
C CYS A 57 13.10 -7.19 7.68
N ASN A 58 12.37 -7.33 6.56
CA ASN A 58 13.02 -7.66 5.30
C ASN A 58 13.97 -6.55 4.85
N ILE A 59 13.71 -5.30 5.25
CA ILE A 59 14.54 -4.19 4.81
C ILE A 59 15.98 -4.37 5.27
N HIS A 60 16.17 -4.84 6.50
CA HIS A 60 17.50 -4.98 7.08
C HIS A 60 18.34 -6.06 6.41
N ALA A 61 17.76 -6.81 5.48
CA ALA A 61 18.49 -7.83 4.72
C ALA A 61 19.18 -7.27 3.50
N GLY A 62 18.93 -6.02 3.15
CA GLY A 62 19.76 -5.32 2.19
C GLY A 62 19.26 -5.18 0.77
N LEU A 63 18.62 -6.22 0.23
CA LEU A 63 18.29 -6.24 -1.19
C LEU A 63 16.92 -6.85 -1.42
N ARG A 64 16.08 -6.14 -2.17
CA ARG A 64 14.74 -6.61 -2.47
C ARG A 64 14.80 -7.75 -3.50
N PRO A 65 13.93 -8.75 -3.37
CA PRO A 65 14.10 -10.00 -4.15
C PRO A 65 13.70 -9.94 -5.62
N PHE A 66 12.75 -9.08 -5.99
CA PHE A 66 12.18 -9.09 -7.34
C PHE A 66 12.95 -8.13 -8.24
N ARG A 67 13.73 -8.67 -9.17
CA ARG A 67 14.52 -7.88 -10.10
C ARG A 67 13.77 -7.63 -11.39
N CYS A 68 13.86 -6.40 -11.87
CA CYS A 68 13.33 -6.08 -13.20
C CYS A 68 14.30 -6.56 -14.26
N PRO A 69 13.87 -7.35 -15.24
CA PRO A 69 14.80 -7.81 -16.29
C PRO A 69 15.33 -6.68 -17.15
N LEU A 70 14.68 -5.51 -17.16
CA LEU A 70 14.99 -4.44 -18.10
C LEU A 70 15.78 -3.29 -17.49
N CYS A 71 15.89 -3.24 -16.16
CA CYS A 71 16.62 -2.17 -15.49
C CYS A 71 17.11 -2.70 -14.16
N PRO A 72 17.98 -1.96 -13.46
CA PRO A 72 18.53 -2.44 -12.18
C PRO A 72 17.61 -2.27 -10.98
N ARG A 73 16.35 -1.90 -11.16
CA ARG A 73 15.48 -1.66 -10.03
C ARG A 73 14.93 -2.98 -9.46
N ARG A 74 14.76 -3.02 -8.15
CA ARG A 74 14.27 -4.20 -7.44
C ARG A 74 13.05 -3.82 -6.61
N PHE A 75 12.27 -4.85 -6.25
CA PHE A 75 10.97 -4.61 -5.63
C PHE A 75 10.67 -5.70 -4.61
N ARG A 76 9.90 -5.33 -3.58
CA ARG A 76 9.57 -6.26 -2.52
C ARG A 76 8.66 -7.38 -3.00
N GLU A 77 7.80 -7.09 -3.99
CA GLU A 77 6.71 -7.99 -4.32
C GLU A 77 6.55 -8.08 -5.84
N ALA A 78 5.92 -9.16 -6.28
CA ALA A 78 5.68 -9.34 -7.70
C ALA A 78 4.76 -8.27 -8.26
N GLY A 79 3.74 -7.88 -7.50
CA GLY A 79 2.81 -6.87 -7.97
C GLY A 79 3.48 -5.52 -8.18
N GLU A 80 4.47 -5.20 -7.34
CA GLU A 80 5.17 -3.92 -7.47
C GLU A 80 6.11 -3.93 -8.67
N LEU A 81 6.62 -5.10 -9.07
CA LEU A 81 7.41 -5.18 -10.29
C LEU A 81 6.51 -5.10 -11.52
N ALA A 82 5.32 -5.71 -11.44
CA ALA A 82 4.39 -5.64 -12.56
C ALA A 82 3.95 -4.20 -12.83
N HIS A 83 3.59 -3.47 -11.78
CA HIS A 83 3.29 -2.05 -11.92
C HIS A 83 4.47 -1.30 -12.51
N HIS A 84 5.69 -1.60 -12.05
CA HIS A 84 6.87 -0.95 -12.57
C HIS A 84 7.06 -1.20 -14.06
N HIS A 85 6.60 -2.36 -14.56
CA HIS A 85 6.79 -2.67 -15.97
C HIS A 85 6.08 -1.69 -16.88
N ARG A 86 5.10 -0.94 -16.37
CA ARG A 86 4.47 0.09 -17.19
C ARG A 86 5.47 1.17 -17.61
N VAL A 87 6.50 1.39 -16.79
CA VAL A 87 7.57 2.31 -17.17
C VAL A 87 8.17 1.91 -18.51
N HIS A 88 8.31 0.60 -18.74
CA HIS A 88 8.91 0.10 -19.96
C HIS A 88 7.89 -0.13 -21.08
N SER A 89 6.70 -0.63 -20.73
CA SER A 89 5.64 -0.81 -21.72
C SER A 89 5.04 0.50 -22.19
N GLY A 90 5.25 1.59 -21.45
CA GLY A 90 4.68 2.87 -21.84
C GLY A 90 3.20 3.00 -21.57
N GLU A 91 2.59 2.03 -20.89
CA GLU A 91 1.17 2.09 -20.59
C GLU A 91 0.87 3.22 -19.60
N ARG A 92 -0.18 3.97 -19.89
CA ARG A 92 -0.72 4.98 -18.97
C ARG A 92 -2.21 4.75 -18.86
N PRO A 93 -2.64 3.75 -18.08
CA PRO A 93 -4.06 3.38 -18.04
C PRO A 93 -4.93 4.27 -17.18
N TYR A 94 -4.34 5.11 -16.32
CA TYR A 94 -5.10 5.98 -15.43
C TYR A 94 -5.27 7.33 -16.14
N GLN A 95 -6.49 7.62 -16.60
CA GLN A 95 -6.79 8.83 -17.33
C GLN A 95 -7.67 9.75 -16.50
N CYS A 96 -7.29 11.01 -16.42
CA CYS A 96 -8.10 11.99 -15.72
C CYS A 96 -9.36 12.28 -16.52
N PRO A 97 -10.55 12.17 -15.93
CA PRO A 97 -11.78 12.41 -16.70
C PRO A 97 -11.97 13.86 -17.11
N ILE A 98 -11.29 14.80 -16.46
CA ILE A 98 -11.47 16.22 -16.71
C ILE A 98 -10.48 16.68 -17.77
N CYS A 99 -9.18 16.51 -17.52
CA CYS A 99 -8.20 17.02 -18.46
C CYS A 99 -7.80 16.02 -19.53
N ARG A 100 -8.20 14.75 -19.38
CA ARG A 100 -7.95 13.67 -20.32
C ARG A 100 -6.48 13.28 -20.43
N LEU A 101 -5.64 13.74 -19.50
CA LEU A 101 -4.25 13.28 -19.47
C LEU A 101 -4.17 11.87 -18.91
N ARG A 102 -3.18 11.12 -19.37
CA ARG A 102 -3.00 9.73 -18.98
C ARG A 102 -1.75 9.59 -18.12
N PHE A 103 -1.83 8.75 -17.09
CA PHE A 103 -0.77 8.62 -16.11
C PHE A 103 -0.42 7.16 -15.90
N THR A 104 0.83 6.91 -15.51
CA THR A 104 1.34 5.55 -15.37
C THR A 104 0.85 4.90 -14.08
N GLU A 105 0.80 5.66 -12.99
CA GLU A 105 0.43 5.12 -11.68
C GLU A 105 -0.82 5.82 -11.16
N ALA A 106 -1.65 5.05 -10.42
CA ALA A 106 -2.89 5.60 -9.90
C ALA A 106 -2.65 6.75 -8.93
N ASN A 107 -1.55 6.67 -8.16
CA ASN A 107 -1.25 7.75 -7.22
C ASN A 107 -0.80 9.02 -7.93
N THR A 108 -0.19 8.88 -9.11
CA THR A 108 0.12 10.07 -9.91
C THR A 108 -1.16 10.77 -10.35
N LEU A 109 -2.17 9.99 -10.77
CA LEU A 109 -3.44 10.59 -11.16
C LEU A 109 -4.18 11.18 -9.97
N ARG A 110 -4.11 10.53 -8.81
CA ARG A 110 -4.79 11.06 -7.63
C ARG A 110 -4.17 12.38 -7.19
N ARG A 111 -2.83 12.44 -7.12
CA ARG A 111 -2.18 13.69 -6.79
C ARG A 111 -2.40 14.74 -7.87
N HIS A 112 -2.64 14.32 -9.11
CA HIS A 112 -2.95 15.26 -10.17
C HIS A 112 -4.35 15.84 -9.98
N ALA A 113 -5.32 15.00 -9.62
CA ALA A 113 -6.70 15.48 -9.46
C ALA A 113 -6.79 16.50 -8.32
N LYS A 114 -6.19 16.18 -7.17
CA LYS A 114 -6.31 17.06 -6.01
C LYS A 114 -5.56 18.36 -6.20
N ARG A 115 -4.52 18.38 -7.04
CA ARG A 115 -3.75 19.59 -7.29
C ARG A 115 -4.32 20.41 -8.44
N LYS A 116 -4.78 19.76 -9.50
CA LYS A 116 -5.22 20.46 -10.71
C LYS A 116 -6.73 20.63 -10.78
N HIS A 117 -7.51 19.80 -10.10
CA HIS A 117 -8.97 19.91 -10.11
C HIS A 117 -9.51 19.85 -8.69
N PRO A 118 -9.22 20.87 -7.88
CA PRO A 118 -9.72 20.87 -6.49
C PRO A 118 -11.24 20.80 -6.40
N GLU A 119 -11.96 21.04 -7.50
CA GLU A 119 -13.41 20.92 -7.53
C GLU A 119 -13.82 19.45 -7.67
N ALA A 120 -13.00 18.55 -7.10
CA ALA A 120 -13.22 17.11 -7.07
C ALA A 120 -13.04 16.46 -8.44
N MET A 121 -12.74 15.17 -8.44
CA MET A 121 -12.54 14.42 -9.68
C MET A 121 -12.62 12.93 -9.40
C1 MLT D . 12.33 -8.31 16.06
O1 MLT D . 11.39 -8.61 16.83
O2 MLT D . 13.27 -7.58 16.48
C2 MLT D . 12.36 -8.80 14.64
O3 MLT D . 13.39 -9.75 14.49
C3 MLT D . 12.54 -7.65 13.67
C4 MLT D . 13.40 -8.07 12.50
O4 MLT D . 14.27 -7.31 12.06
ZN ZN E . -14.87 -0.89 13.53
ZN ZN F . 14.17 -2.22 11.98
ZN ZN G . 12.60 -1.88 -14.99
ZN ZN H . -6.78 16.44 -15.11
#